data_4BXO
#
_entry.id   4BXO
#
_cell.length_a   125.100
_cell.length_b   125.100
_cell.length_c   74.760
_cell.angle_alpha   90.00
_cell.angle_beta   90.00
_cell.angle_gamma   90.00
#
_symmetry.space_group_name_H-M   'P 41 21 2'
#
loop_
_entity.id
_entity.type
_entity.pdbx_description
1 polymer 'FANCONI ANEMIA GROUP M PROTEIN'
2 polymer 'FANCONI ANEMIA-ASSOCIATED PROTEIN OF 24 KDA'
3 polymer "5'-D(*TP*CP*AP*GP*CP*AP*TP*CP*AP*TP*CP)-3'"
4 polymer "5'-D(*GP*AP*TP*GP*AP*TP*GP*CP*TP*GP*CP)-3'"
5 non-polymer 'CALCIUM ION'
6 water water
#
loop_
_entity_poly.entity_id
_entity_poly.type
_entity_poly.pdbx_seq_one_letter_code
_entity_poly.pdbx_strand_id
1 'polypeptide(L)'
;GSGSRPHLAGTHTSLRLPQEGKGTCILVGGHEITSGLEVISSLRAIHGLQVEVCPLNGCDYIVSNRMVVERRSQSEMLNS
VNKNKFIEQIQHLQSMFERICVIVEKDREKTGDTSRMFRRTKSYDSLLTTLIGAGIRILFSSCQEETADLLKELSLVEQR
KNVGIHVPTVVNSNKSEALQFYLSIPNISYITALNMCHQFSSVKRMANSSLQEISMYAQVTHQKAEEIYRYIHYVFDIQM
LPNDLNQDRLKSDI
;
A
2 'polypeptide(L)'
;GSHMEKNPPDDTGPVHVPLGHIVANEKWRGSQLAEEMQGKIKLIFEDGLTPDFYLSNRCCILYVTEADLVAGNGYRKRLV
RVRNSNNLKGIVVVEKTRMSEQYFPALQKFTVLDLGMVLLPVASQMEASCLVIQLVQEQTKEPSKNPLLGKKRALLLSEP
SLLRTVQQIPGVGKVKAPLLLQKFPSIQQLSNASIGELEQVVGQAVAQQIHAFFTQP
;
B
3 'polydeoxyribonucleotide' (DG)(DA)(DT)(DG)(DA)(DT)(DG)(DC)(DT)(DG)(DA) H
4 'polydeoxyribonucleotide' (DT)(DC)(DA)(DG)(DC)(DA)(DT)(DC)(DA)(DT)(DC) I
#
# COMPACT_ATOMS: atom_id res chain seq x y z
N THR A 24 -6.17 3.37 -18.25
CA THR A 24 -5.37 3.57 -17.05
C THR A 24 -3.90 3.22 -17.28
N CYS A 25 -3.07 3.62 -16.32
CA CYS A 25 -1.66 3.41 -16.41
C CYS A 25 -1.23 2.71 -15.13
N ILE A 26 -0.33 1.72 -15.25
CA ILE A 26 0.33 1.05 -14.16
C ILE A 26 1.85 1.10 -14.36
N LEU A 27 2.55 1.35 -13.25
CA LEU A 27 3.97 1.36 -13.23
C LEU A 27 4.43 0.04 -12.59
N VAL A 28 5.46 -0.52 -13.19
CA VAL A 28 5.97 -1.84 -12.87
C VAL A 28 7.43 -1.73 -12.47
N GLY A 29 7.78 -2.25 -11.29
CA GLY A 29 9.19 -2.29 -10.85
C GLY A 29 10.01 -3.20 -11.79
N GLY A 30 11.19 -2.71 -12.17
CA GLY A 30 12.13 -3.38 -13.04
C GLY A 30 12.44 -4.81 -12.57
N HIS A 31 12.50 -4.98 -11.23
CA HIS A 31 12.82 -6.24 -10.61
C HIS A 31 11.73 -7.32 -10.91
N GLU A 32 10.50 -6.90 -11.21
CA GLU A 32 9.41 -7.82 -11.64
C GLU A 32 9.65 -8.45 -13.04
N ILE A 33 10.57 -7.91 -13.82
CA ILE A 33 10.99 -8.63 -15.03
C ILE A 33 11.62 -10.03 -14.73
N THR A 34 12.23 -10.17 -13.53
CA THR A 34 12.82 -11.46 -13.09
C THR A 34 11.73 -12.35 -12.45
N SER A 35 10.95 -11.78 -11.56
CA SER A 35 10.00 -12.55 -10.71
C SER A 35 8.61 -12.61 -11.32
N GLY A 36 8.21 -11.60 -12.12
CA GLY A 36 6.86 -11.70 -12.74
C GLY A 36 6.73 -11.40 -14.21
N LEU A 37 7.53 -12.07 -15.02
CA LEU A 37 7.56 -11.87 -16.44
C LEU A 37 6.18 -12.03 -17.06
N GLU A 38 5.45 -13.07 -16.63
CA GLU A 38 4.13 -13.34 -17.14
C GLU A 38 3.08 -12.35 -16.57
N VAL A 39 3.29 -11.82 -15.36
CA VAL A 39 2.41 -10.76 -14.89
C VAL A 39 2.48 -9.58 -15.94
N ILE A 40 3.71 -9.18 -16.25
CA ILE A 40 3.96 -8.03 -17.10
C ILE A 40 3.41 -8.29 -18.55
N SER A 41 3.57 -9.50 -19.09
CA SER A 41 3.13 -9.73 -20.46
C SER A 41 1.58 -9.83 -20.42
N SER A 42 1.02 -10.34 -19.33
CA SER A 42 -0.43 -10.37 -19.16
C SER A 42 -1.02 -8.95 -19.07
N LEU A 43 -0.36 -8.06 -18.34
CA LEU A 43 -0.70 -6.63 -18.29
C LEU A 43 -0.70 -6.03 -19.71
N ARG A 44 0.39 -6.24 -20.49
CA ARG A 44 0.51 -5.69 -21.85
C ARG A 44 -0.55 -6.22 -22.82
N ALA A 45 -1.01 -7.45 -22.59
CA ALA A 45 -2.09 -8.13 -23.34
C ALA A 45 -3.47 -7.48 -23.02
N ILE A 46 -3.59 -6.63 -22.00
CA ILE A 46 -4.87 -5.96 -21.71
C ILE A 46 -4.94 -4.66 -22.52
N HIS A 47 -5.92 -4.57 -23.43
CA HIS A 47 -6.12 -3.39 -24.27
C HIS A 47 -6.48 -2.13 -23.48
N GLY A 48 -5.83 -1.01 -23.77
CA GLY A 48 -6.09 0.26 -23.08
C GLY A 48 -5.39 0.46 -21.72
N LEU A 49 -4.59 -0.51 -21.31
CA LEU A 49 -3.70 -0.32 -20.18
C LEU A 49 -2.28 0.14 -20.60
N GLN A 50 -1.79 1.21 -20.02
CA GLN A 50 -0.45 1.66 -20.37
C GLN A 50 0.44 1.07 -19.31
N VAL A 51 1.38 0.25 -19.72
CA VAL A 51 2.25 -0.46 -18.83
C VAL A 51 3.64 0.12 -18.95
N GLU A 52 4.18 0.70 -17.88
CA GLU A 52 5.50 1.32 -17.93
C GLU A 52 6.36 0.63 -16.88
N VAL A 53 7.44 0.02 -17.30
CA VAL A 53 8.39 -0.54 -16.34
C VAL A 53 9.41 0.55 -15.97
N CYS A 54 9.73 0.71 -14.69
CA CYS A 54 10.52 1.83 -14.17
C CYS A 54 11.42 1.34 -13.09
N PRO A 55 12.52 2.05 -12.85
CA PRO A 55 13.34 1.70 -11.67
C PRO A 55 12.62 2.06 -10.37
N LEU A 56 11.76 1.19 -9.85
CA LEU A 56 10.98 1.56 -8.69
C LEU A 56 11.64 1.40 -7.33
N ASN A 57 12.80 0.75 -7.20
CA ASN A 57 13.40 0.64 -5.83
C ASN A 57 12.47 -0.08 -4.82
N GLY A 58 12.26 -1.37 -5.00
CA GLY A 58 11.41 -2.09 -4.06
C GLY A 58 9.93 -2.21 -4.45
N CYS A 59 9.32 -1.15 -5.00
CA CYS A 59 7.92 -1.22 -5.30
C CYS A 59 7.60 -2.12 -6.52
N ASP A 60 6.71 -3.10 -6.29
CA ASP A 60 6.34 -4.02 -7.32
C ASP A 60 5.46 -3.34 -8.37
N TYR A 61 4.31 -2.83 -7.94
CA TYR A 61 3.40 -2.15 -8.86
C TYR A 61 2.86 -0.83 -8.25
N ILE A 62 2.80 0.20 -9.07
CA ILE A 62 2.13 1.41 -8.66
C ILE A 62 0.88 1.52 -9.55
N VAL A 63 -0.30 1.49 -8.91
CA VAL A 63 -1.59 1.43 -9.68
C VAL A 63 -2.42 2.71 -9.77
N SER A 64 -1.94 3.76 -9.10
CA SER A 64 -2.56 5.09 -9.04
C SER A 64 -1.54 6.10 -8.45
N ASN A 65 -1.95 7.36 -8.22
CA ASN A 65 -1.09 8.37 -7.59
C ASN A 65 -0.85 8.08 -6.11
N ARG A 66 -1.60 7.16 -5.55
CA ARG A 66 -1.55 7.02 -4.12
C ARG A 66 -1.45 5.55 -3.64
N MET A 67 -1.47 4.59 -4.56
CA MET A 67 -1.56 3.19 -4.17
C MET A 67 -0.47 2.29 -4.73
N VAL A 68 0.15 1.55 -3.83
CA VAL A 68 1.19 0.57 -4.21
C VAL A 68 0.64 -0.84 -3.98
N VAL A 69 1.17 -1.79 -4.74
CA VAL A 69 0.82 -3.19 -4.58
C VAL A 69 2.09 -3.96 -4.35
N GLU A 70 2.08 -4.76 -3.31
CA GLU A 70 3.15 -5.68 -3.06
C GLU A 70 2.69 -7.07 -3.41
N ARG A 71 3.37 -7.65 -4.37
CA ARG A 71 3.14 -9.01 -4.74
C ARG A 71 4.05 -9.91 -3.90
N ARG A 72 3.47 -10.94 -3.28
CA ARG A 72 4.21 -11.81 -2.36
C ARG A 72 3.82 -13.26 -2.62
N SER A 73 4.80 -14.16 -2.66
CA SER A 73 4.48 -15.57 -2.81
C SER A 73 3.92 -16.14 -1.53
N GLN A 74 2.99 -17.07 -1.67
CA GLN A 74 2.33 -17.54 -0.50
C GLN A 74 3.27 -18.38 0.35
N SER A 75 4.14 -19.15 -0.29
CA SER A 75 5.11 -19.98 0.44
C SER A 75 6.10 -19.13 1.24
N GLU A 76 6.48 -17.95 0.74
CA GLU A 76 7.25 -16.97 1.50
C GLU A 76 6.42 -16.31 2.64
N MET A 77 5.11 -16.15 2.46
CA MET A 77 4.27 -15.66 3.58
C MET A 77 4.13 -16.68 4.70
N LEU A 78 4.15 -17.97 4.33
CA LEU A 78 3.99 -19.07 5.29
C LEU A 78 5.14 -19.29 6.27
N ASN A 79 6.36 -18.94 5.81
CA ASN A 79 7.61 -19.09 6.60
C ASN A 79 7.88 -17.88 7.53
N SER A 80 8.01 -18.12 8.82
CA SER A 80 8.06 -17.06 9.83
C SER A 80 9.41 -16.37 9.93
N VAL A 81 10.39 -16.87 9.18
CA VAL A 81 11.76 -16.29 9.20
C VAL A 81 11.76 -15.12 8.21
N ASN A 82 10.70 -15.07 7.40
CA ASN A 82 10.47 -13.99 6.45
C ASN A 82 9.55 -12.92 6.98
N LYS A 83 8.84 -13.22 8.06
CA LYS A 83 7.88 -12.31 8.70
C LYS A 83 8.44 -10.90 8.97
N ASN A 84 9.64 -10.85 9.59
CA ASN A 84 10.29 -9.58 9.87
C ASN A 84 10.56 -8.78 8.61
N LYS A 85 11.23 -9.40 7.62
CA LYS A 85 11.51 -8.72 6.32
C LYS A 85 10.26 -8.22 5.63
N PHE A 86 9.18 -8.97 5.69
CA PHE A 86 7.93 -8.57 5.07
C PHE A 86 7.35 -7.33 5.76
N ILE A 87 7.34 -7.33 7.10
CA ILE A 87 6.91 -6.18 7.91
C ILE A 87 7.70 -4.89 7.59
N GLU A 88 9.01 -5.02 7.46
CA GLU A 88 9.87 -3.90 7.14
CA GLU A 88 9.86 -3.88 7.16
C GLU A 88 9.63 -3.36 5.72
N GLN A 89 9.40 -4.25 4.77
CA GLN A 89 9.01 -3.79 3.45
C GLN A 89 7.64 -3.02 3.50
N ILE A 90 6.66 -3.51 4.27
CA ILE A 90 5.41 -2.77 4.40
C ILE A 90 5.59 -1.41 5.09
N GLN A 91 6.39 -1.35 6.17
CA GLN A 91 6.73 -0.07 6.80
C GLN A 91 7.31 0.96 5.78
N HIS A 92 8.23 0.51 4.95
CA HIS A 92 8.90 1.35 3.94
C HIS A 92 7.80 1.78 2.92
N LEU A 93 6.87 0.92 2.58
CA LEU A 93 5.80 1.32 1.68
C LEU A 93 4.85 2.37 2.30
N GLN A 94 4.60 2.31 3.61
CA GLN A 94 3.72 3.24 4.31
C GLN A 94 4.33 4.61 4.37
N SER A 95 5.65 4.73 4.28
CA SER A 95 6.26 6.03 4.34
C SER A 95 6.08 6.79 3.00
N MET A 96 5.76 6.09 1.92
CA MET A 96 5.63 6.67 0.58
C MET A 96 4.20 6.76 0.06
N PHE A 97 3.39 5.76 0.35
CA PHE A 97 2.05 5.64 -0.20
C PHE A 97 0.96 5.69 0.85
N GLU A 98 -0.11 6.41 0.52
CA GLU A 98 -1.35 6.46 1.32
C GLU A 98 -2.12 5.12 1.38
N ARG A 99 -2.05 4.31 0.34
CA ARG A 99 -2.83 3.04 0.22
C ARG A 99 -1.93 1.88 -0.24
N ILE A 100 -2.13 0.73 0.37
CA ILE A 100 -1.36 -0.44 0.08
C ILE A 100 -2.27 -1.65 -0.11
N CYS A 101 -2.00 -2.41 -1.17
CA CYS A 101 -2.56 -3.75 -1.35
C CYS A 101 -1.47 -4.79 -1.40
N VAL A 102 -1.73 -5.88 -0.73
CA VAL A 102 -0.91 -7.07 -0.88
C VAL A 102 -1.65 -8.10 -1.74
N ILE A 103 -1.00 -8.57 -2.78
CA ILE A 103 -1.49 -9.68 -3.48
C ILE A 103 -0.69 -10.95 -3.06
N VAL A 104 -1.37 -11.94 -2.50
CA VAL A 104 -0.76 -13.16 -2.05
C VAL A 104 -0.91 -14.15 -3.23
N GLU A 105 0.21 -14.46 -3.88
CA GLU A 105 0.18 -15.28 -5.10
C GLU A 105 0.74 -16.69 -4.86
N LYS A 106 -0.02 -17.74 -5.25
CA LYS A 106 0.46 -19.14 -5.27
C LYS A 106 1.67 -19.43 -6.14
N ASP A 107 2.68 -20.13 -5.59
CA ASP A 107 3.92 -20.54 -6.33
C ASP A 107 3.68 -21.40 -7.60
N ARG A 108 4.51 -21.23 -8.66
CA ARG A 108 4.54 -22.14 -9.84
C ARG A 108 4.77 -23.59 -9.43
N ARG A 119 0.93 -26.06 3.97
CA ARG A 119 0.23 -26.11 5.26
C ARG A 119 0.24 -24.71 5.89
N ARG A 120 -0.88 -24.35 6.48
CA ARG A 120 -1.15 -22.99 6.88
C ARG A 120 -0.73 -22.87 8.35
N THR A 121 -0.08 -21.77 8.71
CA THR A 121 0.60 -21.59 10.00
C THR A 121 0.11 -20.37 10.76
N LYS A 122 0.44 -20.37 12.07
CA LYS A 122 0.19 -19.27 12.98
C LYS A 122 0.83 -17.93 12.52
N SER A 123 2.09 -18.01 12.05
CA SER A 123 2.81 -16.88 11.48
C SER A 123 2.04 -16.21 10.33
N TYR A 124 1.55 -17.01 9.39
CA TYR A 124 0.77 -16.58 8.27
C TYR A 124 -0.56 -15.89 8.65
N ASP A 125 -1.35 -16.55 9.47
CA ASP A 125 -2.59 -15.96 10.05
C ASP A 125 -2.36 -14.62 10.73
N SER A 126 -1.34 -14.57 11.60
CA SER A 126 -0.91 -13.37 12.28
C SER A 126 -0.51 -12.23 11.33
N LEU A 127 0.20 -12.59 10.26
CA LEU A 127 0.51 -11.63 9.21
C LEU A 127 -0.74 -11.09 8.54
N LEU A 128 -1.66 -11.99 8.19
CA LEU A 128 -2.89 -11.55 7.55
C LEU A 128 -3.69 -10.56 8.46
N THR A 129 -3.80 -10.87 9.76
CA THR A 129 -4.60 -10.08 10.65
C THR A 129 -3.92 -8.71 10.94
N THR A 130 -2.58 -8.70 11.04
CA THR A 130 -1.78 -7.52 11.23
C THR A 130 -2.05 -6.51 10.11
N LEU A 131 -1.96 -7.03 8.88
CA LEU A 131 -2.28 -6.29 7.68
C LEU A 131 -3.71 -5.70 7.73
N ILE A 132 -4.67 -6.53 8.14
CA ILE A 132 -6.04 -6.08 8.24
C ILE A 132 -6.20 -4.98 9.31
N GLY A 133 -5.53 -5.14 10.48
CA GLY A 133 -5.61 -4.13 11.53
C GLY A 133 -5.03 -2.78 11.07
N ALA A 134 -4.04 -2.79 10.18
CA ALA A 134 -3.43 -1.53 9.69
C ALA A 134 -4.11 -1.02 8.38
N GLY A 135 -5.22 -1.61 8.01
CA GLY A 135 -5.95 -1.29 6.81
C GLY A 135 -5.22 -1.59 5.51
N ILE A 136 -4.31 -2.55 5.50
CA ILE A 136 -3.71 -2.92 4.25
C ILE A 136 -4.62 -3.96 3.57
N ARG A 137 -5.03 -3.66 2.35
CA ARG A 137 -5.94 -4.52 1.53
C ARG A 137 -5.25 -5.82 1.10
N ILE A 138 -5.97 -6.94 1.11
CA ILE A 138 -5.32 -8.18 0.71
C ILE A 138 -6.20 -8.82 -0.42
N LEU A 139 -5.50 -9.28 -1.42
CA LEU A 139 -6.02 -10.12 -2.51
C LEU A 139 -5.20 -11.44 -2.70
N PHE A 140 -5.90 -12.46 -3.15
CA PHE A 140 -5.38 -13.82 -3.27
C PHE A 140 -5.43 -14.26 -4.73
N SER A 141 -4.28 -14.67 -5.26
CA SER A 141 -4.16 -15.00 -6.65
C SER A 141 -3.57 -16.42 -6.78
N SER A 142 -4.01 -17.11 -7.82
CA SER A 142 -3.62 -18.47 -8.02
C SER A 142 -2.49 -18.56 -9.04
N CYS A 143 -2.13 -17.44 -9.72
CA CYS A 143 -1.13 -17.42 -10.79
C CYS A 143 -0.82 -15.99 -11.28
N GLN A 144 0.27 -15.89 -12.02
CA GLN A 144 0.71 -14.59 -12.52
C GLN A 144 -0.33 -13.89 -13.45
N GLU A 145 -1.01 -14.69 -14.29
CA GLU A 145 -2.11 -14.17 -15.13
C GLU A 145 -3.25 -13.57 -14.31
N GLU A 146 -3.66 -14.26 -13.26
CA GLU A 146 -4.59 -13.69 -12.31
C GLU A 146 -4.15 -12.38 -11.56
N THR A 147 -2.91 -12.34 -11.12
CA THR A 147 -2.33 -11.18 -10.56
C THR A 147 -2.46 -9.94 -11.47
N ALA A 148 -2.18 -10.11 -12.76
CA ALA A 148 -2.28 -9.07 -13.75
C ALA A 148 -3.70 -8.55 -13.82
N ASP A 149 -4.64 -9.49 -13.84
CA ASP A 149 -6.04 -9.11 -13.91
C ASP A 149 -6.50 -8.33 -12.64
N LEU A 150 -6.01 -8.75 -11.47
CA LEU A 150 -6.25 -8.02 -10.21
C LEU A 150 -5.61 -6.60 -10.20
N LEU A 151 -4.38 -6.51 -10.73
CA LEU A 151 -3.70 -5.23 -10.84
C LEU A 151 -4.49 -4.26 -11.77
N LYS A 152 -4.93 -4.79 -12.91
CA LYS A 152 -5.78 -4.06 -13.83
C LYS A 152 -7.07 -3.58 -13.10
N GLU A 153 -7.74 -4.52 -12.39
CA GLU A 153 -8.95 -4.17 -11.68
C GLU A 153 -8.64 -3.08 -10.66
N LEU A 154 -7.52 -3.20 -9.91
CA LEU A 154 -7.23 -2.16 -8.90
C LEU A 154 -7.03 -0.74 -9.52
N SER A 155 -6.38 -0.69 -10.67
CA SER A 155 -6.13 0.58 -11.32
C SER A 155 -7.42 1.21 -11.85
N LEU A 156 -8.33 0.36 -12.31
CA LEU A 156 -9.63 0.80 -12.76
C LEU A 156 -10.41 1.39 -11.57
N VAL A 157 -10.43 0.70 -10.43
CA VAL A 157 -11.10 1.27 -9.26
C VAL A 157 -10.41 2.56 -8.71
N GLU A 158 -9.09 2.59 -8.72
CA GLU A 158 -8.38 3.82 -8.33
C GLU A 158 -8.72 4.98 -9.24
N GLN A 159 -8.80 4.74 -10.54
CA GLN A 159 -9.19 5.71 -11.51
C GLN A 159 -10.55 6.34 -11.17
N ARG A 160 -11.50 5.48 -10.78
CA ARG A 160 -12.89 5.94 -10.54
C ARG A 160 -12.93 6.81 -9.25
N LYS A 161 -11.90 6.63 -8.41
CA LYS A 161 -11.67 7.44 -7.21
C LYS A 161 -10.81 8.70 -7.48
N ASN A 162 -10.69 9.04 -8.76
CA ASN A 162 -9.99 10.27 -9.27
C ASN A 162 -8.51 10.40 -8.91
N VAL A 163 -7.84 9.29 -8.72
CA VAL A 163 -6.40 9.25 -8.36
C VAL A 163 -5.58 8.50 -9.43
N GLY A 164 -6.10 8.50 -10.67
CA GLY A 164 -5.44 7.81 -11.79
C GLY A 164 -4.12 8.49 -12.12
N ILE A 165 -3.16 7.69 -12.61
CA ILE A 165 -1.90 8.23 -13.13
C ILE A 165 -2.16 8.93 -14.45
N HIS A 166 -1.75 10.20 -14.52
CA HIS A 166 -2.13 11.04 -15.65
C HIS A 166 -0.92 11.79 -16.07
N VAL A 167 0.22 11.12 -16.06
CA VAL A 167 1.39 11.80 -16.60
C VAL A 167 2.11 10.77 -17.46
N PRO A 168 2.92 11.22 -18.48
CA PRO A 168 3.74 10.31 -19.29
C PRO A 168 4.42 9.16 -18.49
N LYS A 175 12.32 16.65 -17.77
CA LYS A 175 13.73 16.27 -17.94
C LYS A 175 14.14 15.30 -16.78
N SER A 176 15.16 14.48 -17.05
CA SER A 176 15.52 13.33 -16.23
C SER A 176 16.37 13.78 -15.06
N GLU A 177 17.16 14.86 -15.24
CA GLU A 177 17.90 15.47 -14.07
C GLU A 177 16.99 15.90 -12.91
N ALA A 178 15.89 16.52 -13.27
CA ALA A 178 14.90 16.94 -12.31
C ALA A 178 14.17 15.74 -11.63
N LEU A 179 13.92 14.65 -12.37
CA LEU A 179 13.30 13.45 -11.76
C LEU A 179 14.20 12.88 -10.68
N GLN A 180 15.49 12.77 -11.02
CA GLN A 180 16.47 12.26 -10.04
C GLN A 180 16.50 13.15 -8.78
N PHE A 181 16.38 14.46 -8.96
CA PHE A 181 16.38 15.42 -7.86
C PHE A 181 15.09 15.15 -6.97
N TYR A 182 13.92 15.12 -7.57
CA TYR A 182 12.68 14.89 -6.84
C TYR A 182 12.63 13.56 -6.10
N LEU A 183 13.16 12.51 -6.75
CA LEU A 183 13.26 11.17 -6.22
C LEU A 183 14.11 11.09 -4.94
N SER A 184 14.97 12.11 -4.72
CA SER A 184 15.84 12.13 -3.53
C SER A 184 15.14 12.71 -2.29
N ILE A 185 14.00 13.37 -2.49
CA ILE A 185 13.21 13.90 -1.38
C ILE A 185 12.80 12.64 -0.57
N PRO A 186 13.14 12.58 0.73
CA PRO A 186 12.78 11.41 1.51
C PRO A 186 11.27 11.13 1.52
N ASN A 187 10.96 9.84 1.53
CA ASN A 187 9.62 9.27 1.61
C ASN A 187 8.66 9.77 0.56
N ILE A 188 9.16 9.95 -0.64
CA ILE A 188 8.33 10.36 -1.77
C ILE A 188 8.29 9.13 -2.69
N SER A 189 7.14 8.82 -3.29
CA SER A 189 7.09 7.74 -4.27
C SER A 189 7.54 8.14 -5.72
N TYR A 190 7.86 7.12 -6.53
CA TYR A 190 8.26 7.35 -7.92
C TYR A 190 7.16 8.15 -8.69
N ILE A 191 5.88 7.81 -8.46
CA ILE A 191 4.79 8.52 -9.12
C ILE A 191 4.68 9.99 -8.69
N THR A 192 4.92 10.27 -7.42
CA THR A 192 4.82 11.61 -6.91
C THR A 192 5.95 12.46 -7.49
N ALA A 193 7.14 11.89 -7.57
CA ALA A 193 8.29 12.49 -8.26
C ALA A 193 8.01 12.80 -9.76
N LEU A 194 7.40 11.83 -10.47
CA LEU A 194 7.02 11.98 -11.89
C LEU A 194 5.97 13.11 -12.05
N ASN A 195 4.96 13.14 -11.15
CA ASN A 195 3.98 14.26 -11.08
C ASN A 195 4.67 15.61 -10.90
N MET A 196 5.62 15.69 -9.97
CA MET A 196 6.42 16.88 -9.82
C MET A 196 7.12 17.28 -11.09
N CYS A 197 7.85 16.37 -11.74
CA CYS A 197 8.45 16.65 -13.08
C CYS A 197 7.49 17.22 -14.08
N HIS A 198 6.28 16.65 -14.14
CA HIS A 198 5.35 17.01 -15.20
C HIS A 198 4.46 18.20 -14.95
N GLN A 199 4.28 18.58 -13.67
CA GLN A 199 3.38 19.67 -13.30
C GLN A 199 4.07 20.95 -12.85
N PHE A 200 5.33 20.86 -12.47
CA PHE A 200 6.12 22.04 -12.18
C PHE A 200 6.93 22.50 -13.36
N SER A 201 6.71 23.73 -13.80
CA SER A 201 7.39 24.27 -14.96
C SER A 201 8.90 24.54 -14.74
N SER A 202 9.33 24.66 -13.48
CA SER A 202 10.76 24.65 -13.13
C SER A 202 10.98 24.08 -11.73
N VAL A 203 12.21 23.64 -11.46
CA VAL A 203 12.54 23.15 -10.08
C VAL A 203 12.45 24.28 -9.04
N LYS A 204 12.88 25.48 -9.41
CA LYS A 204 12.69 26.65 -8.61
C LYS A 204 11.20 26.86 -8.31
N ARG A 205 10.32 26.70 -9.29
CA ARG A 205 8.90 26.92 -9.00
C ARG A 205 8.37 25.96 -7.91
N MET A 206 8.84 24.74 -7.93
CA MET A 206 8.48 23.73 -6.94
C MET A 206 9.00 24.06 -5.53
N ALA A 207 10.28 24.47 -5.44
CA ALA A 207 10.91 24.82 -4.14
C ALA A 207 10.27 26.04 -3.44
N ASN A 208 9.59 26.91 -4.21
CA ASN A 208 8.93 28.09 -3.66
C ASN A 208 7.42 27.92 -3.59
N SER A 209 6.95 26.67 -3.72
CA SER A 209 5.54 26.33 -3.67
C SER A 209 5.02 26.27 -2.25
N SER A 210 3.82 26.78 -2.05
CA SER A 210 3.15 26.65 -0.78
C SER A 210 2.75 25.20 -0.56
N LEU A 211 2.45 24.93 0.70
CA LEU A 211 1.89 23.65 1.09
C LEU A 211 0.72 23.19 0.21
N GLN A 212 -0.23 24.07 -0.09
CA GLN A 212 -1.34 23.71 -0.95
C GLN A 212 -1.00 23.43 -2.44
N GLU A 213 -0.07 24.20 -3.01
CA GLU A 213 0.48 23.95 -4.35
C GLU A 213 1.16 22.58 -4.46
N ILE A 214 1.96 22.20 -3.48
CA ILE A 214 2.60 20.89 -3.49
C ILE A 214 1.52 19.83 -3.48
N SER A 215 0.56 19.98 -2.57
CA SER A 215 -0.53 19.04 -2.50
C SER A 215 -1.28 18.87 -3.84
N MET A 216 -1.56 19.97 -4.52
CA MET A 216 -2.34 19.96 -5.76
C MET A 216 -1.53 19.35 -6.96
N TYR A 217 -0.31 19.83 -7.15
CA TYR A 217 0.50 19.54 -8.35
C TYR A 217 1.23 18.22 -8.21
N ALA A 218 1.72 17.92 -7.00
CA ALA A 218 2.30 16.61 -6.72
C ALA A 218 1.26 15.52 -6.49
N GLN A 219 0.01 15.88 -6.20
CA GLN A 219 -1.08 14.91 -6.05
C GLN A 219 -0.88 14.03 -4.80
N VAL A 220 -0.87 14.68 -3.63
CA VAL A 220 -0.53 14.03 -2.35
C VAL A 220 -1.39 14.61 -1.25
N THR A 221 -1.46 13.90 -0.12
CA THR A 221 -2.26 14.33 1.04
C THR A 221 -1.62 15.58 1.64
N HIS A 222 -2.41 16.36 2.35
CA HIS A 222 -1.89 17.47 3.18
C HIS A 222 -0.65 17.07 4.05
N GLN A 223 -0.76 15.96 4.79
CA GLN A 223 0.34 15.37 5.56
C GLN A 223 1.59 15.21 4.67
N LYS A 224 1.44 14.66 3.48
CA LYS A 224 2.57 14.44 2.58
C LYS A 224 3.20 15.73 2.00
N ALA A 225 2.33 16.67 1.65
CA ALA A 225 2.77 17.97 1.17
C ALA A 225 3.51 18.75 2.30
N GLU A 226 3.04 18.63 3.54
CA GLU A 226 3.71 19.22 4.70
C GLU A 226 5.15 18.67 4.90
N GLU A 227 5.31 17.35 4.82
CA GLU A 227 6.63 16.70 4.93
C GLU A 227 7.60 17.13 3.82
N ILE A 228 7.10 17.29 2.59
CA ILE A 228 7.87 17.78 1.49
C ILE A 228 8.22 19.27 1.66
N TYR A 229 7.25 20.07 2.05
CA TYR A 229 7.48 21.48 2.36
C TYR A 229 8.51 21.73 3.48
N ARG A 230 8.42 20.93 4.56
CA ARG A 230 9.36 21.01 5.68
C ARG A 230 10.77 20.65 5.21
N TYR A 231 10.89 19.66 4.34
CA TYR A 231 12.18 19.26 3.77
C TYR A 231 12.87 20.34 2.99
N ILE A 232 12.13 20.98 2.09
CA ILE A 232 12.71 22.01 1.22
C ILE A 232 12.96 23.29 2.01
N HIS A 233 12.34 23.42 3.20
CA HIS A 233 12.59 24.59 4.08
C HIS A 233 13.57 24.37 5.23
N TYR A 234 13.96 23.10 5.40
CA TYR A 234 14.81 22.68 6.52
C TYR A 234 16.16 23.42 6.45
N VAL A 235 16.56 24.06 7.54
CA VAL A 235 17.79 24.78 7.60
C VAL A 235 18.93 23.79 7.96
N PHE A 236 19.72 23.44 6.93
CA PHE A 236 20.90 22.58 7.05
C PHE A 236 21.98 23.11 8.02
N ASP A 237 22.39 22.28 8.97
CA ASP A 237 23.46 22.61 9.88
C ASP A 237 24.46 21.44 9.85
N ILE A 238 25.65 21.72 9.27
CA ILE A 238 26.81 20.77 9.10
C ILE A 238 27.21 19.97 10.36
N GLN A 239 27.27 20.68 11.49
CA GLN A 239 27.66 20.05 12.72
C GLN A 239 26.60 19.04 13.19
N MET A 240 25.47 18.94 12.51
CA MET A 240 24.47 17.86 12.78
C MET A 240 24.74 16.51 12.07
N LEU A 241 25.93 16.35 11.48
CA LEU A 241 26.26 15.10 10.73
C LEU A 241 26.92 14.10 11.62
N VAL B 15 -25.28 -5.68 18.44
CA VAL B 15 -25.09 -6.87 19.32
C VAL B 15 -24.04 -6.61 20.43
N HIS B 16 -24.33 -6.99 21.66
CA HIS B 16 -23.37 -6.82 22.77
C HIS B 16 -22.39 -8.02 22.75
N VAL B 17 -21.12 -7.73 22.54
CA VAL B 17 -20.09 -8.77 22.62
C VAL B 17 -19.10 -8.47 23.77
N PRO B 18 -19.22 -9.16 24.95
CA PRO B 18 -18.23 -8.86 26.01
C PRO B 18 -16.78 -9.18 25.55
N LEU B 19 -15.80 -8.39 26.03
CA LEU B 19 -14.41 -8.66 25.64
C LEU B 19 -13.99 -10.11 25.89
N GLY B 20 -13.25 -10.68 24.98
CA GLY B 20 -12.83 -12.08 25.10
C GLY B 20 -13.89 -13.15 24.76
N HIS B 21 -14.95 -12.73 24.08
CA HIS B 21 -16.07 -13.62 23.74
C HIS B 21 -16.32 -13.45 22.26
N ILE B 22 -16.91 -14.49 21.68
CA ILE B 22 -17.44 -14.44 20.30
C ILE B 22 -18.92 -14.68 20.37
N VAL B 23 -19.68 -13.83 19.70
CA VAL B 23 -21.14 -14.16 19.59
C VAL B 23 -21.33 -14.93 18.30
N ALA B 24 -21.86 -16.14 18.41
CA ALA B 24 -22.06 -16.98 17.21
C ALA B 24 -23.55 -17.15 16.84
N ASN B 25 -23.87 -17.07 15.56
CA ASN B 25 -25.16 -17.53 15.09
C ASN B 25 -25.48 -19.01 15.55
N GLU B 26 -26.64 -19.15 16.15
CA GLU B 26 -27.15 -20.44 16.68
C GLU B 26 -26.95 -21.66 15.71
N LYS B 27 -27.05 -21.44 14.40
CA LYS B 27 -26.86 -22.48 13.40
C LYS B 27 -25.46 -23.09 13.48
N TRP B 28 -24.50 -22.40 14.12
CA TRP B 28 -23.17 -22.98 14.28
C TRP B 28 -23.03 -23.94 15.47
N ARG B 29 -24.07 -24.08 16.28
CA ARG B 29 -23.99 -24.95 17.45
C ARG B 29 -23.68 -26.39 17.03
N GLY B 30 -22.73 -27.06 17.71
CA GLY B 30 -22.35 -28.43 17.35
C GLY B 30 -21.46 -28.55 16.11
N SER B 31 -21.13 -27.44 15.45
CA SER B 31 -20.26 -27.49 14.28
C SER B 31 -18.79 -27.65 14.76
N GLN B 32 -17.95 -28.25 13.93
CA GLN B 32 -16.52 -28.34 14.18
C GLN B 32 -15.94 -26.91 14.46
N LEU B 33 -16.31 -25.91 13.64
CA LEU B 33 -15.91 -24.52 13.83
C LEU B 33 -16.17 -24.03 15.27
N ALA B 34 -17.41 -24.15 15.73
CA ALA B 34 -17.77 -23.69 17.05
C ALA B 34 -17.00 -24.47 18.11
N GLU B 35 -16.98 -25.80 17.99
CA GLU B 35 -16.27 -26.65 18.94
C GLU B 35 -14.76 -26.40 19.02
N GLU B 36 -14.12 -26.14 17.91
CA GLU B 36 -12.72 -25.80 17.93
C GLU B 36 -12.51 -24.43 18.63
N MET B 37 -13.35 -23.45 18.35
CA MET B 37 -13.26 -22.16 19.06
C MET B 37 -13.60 -22.20 20.51
N GLN B 38 -14.65 -22.97 20.83
CA GLN B 38 -15.05 -23.11 22.22
C GLN B 38 -13.98 -23.72 23.14
N GLY B 39 -12.98 -24.42 22.58
CA GLY B 39 -11.83 -24.93 23.38
C GLY B 39 -10.68 -23.93 23.55
N LYS B 40 -10.86 -22.66 23.13
CA LYS B 40 -9.87 -21.56 23.24
C LYS B 40 -10.47 -20.21 23.72
N ILE B 41 -11.75 -19.96 23.39
CA ILE B 41 -12.41 -18.71 23.72
C ILE B 41 -13.93 -18.96 24.04
N LYS B 42 -14.55 -18.10 24.83
CA LYS B 42 -15.97 -18.23 25.13
C LYS B 42 -16.93 -17.87 23.97
N LEU B 43 -17.67 -18.87 23.52
CA LEU B 43 -18.68 -18.63 22.51
C LEU B 43 -20.03 -18.40 23.17
N ILE B 44 -20.73 -17.36 22.76
CA ILE B 44 -22.13 -17.10 23.12
C ILE B 44 -23.03 -17.30 21.90
N PHE B 45 -24.05 -18.15 22.02
CA PHE B 45 -24.88 -18.45 20.84
C PHE B 45 -26.09 -17.56 20.79
N GLU B 46 -26.46 -17.03 19.64
CA GLU B 46 -27.63 -16.12 19.56
C GLU B 46 -28.41 -16.41 18.24
N ASP B 47 -29.73 -16.53 18.31
CA ASP B 47 -30.52 -16.76 17.07
C ASP B 47 -30.95 -15.41 16.38
N GLY B 48 -31.45 -15.45 15.13
CA GLY B 48 -31.97 -14.26 14.45
C GLY B 48 -30.87 -13.33 13.94
N LEU B 49 -29.62 -13.78 13.90
CA LEU B 49 -28.54 -12.91 13.47
C LEU B 49 -28.28 -13.05 11.98
N THR B 50 -28.11 -11.92 11.29
CA THR B 50 -27.65 -11.98 9.89
C THR B 50 -26.22 -12.53 9.72
N PRO B 51 -25.23 -11.94 10.41
CA PRO B 51 -23.90 -12.51 10.26
C PRO B 51 -23.77 -13.84 11.00
N ASP B 52 -22.68 -14.54 10.72
CA ASP B 52 -22.30 -15.79 11.38
C ASP B 52 -21.68 -15.66 12.78
N PHE B 53 -20.86 -14.64 12.96
CA PHE B 53 -20.18 -14.36 14.21
C PHE B 53 -20.00 -12.84 14.32
N TYR B 54 -20.00 -12.37 15.56
CA TYR B 54 -19.60 -11.03 15.94
C TYR B 54 -18.36 -11.14 16.85
N LEU B 55 -17.31 -10.42 16.47
CA LEU B 55 -16.01 -10.39 17.18
C LEU B 55 -15.99 -9.20 18.12
N SER B 56 -16.83 -8.20 17.82
CA SER B 56 -17.03 -7.06 18.69
C SER B 56 -18.38 -6.53 18.32
N ASN B 57 -18.79 -5.51 19.02
CA ASN B 57 -20.08 -4.90 18.81
C ASN B 57 -20.29 -4.49 17.33
N ARG B 58 -19.22 -4.02 16.70
CA ARG B 58 -19.26 -3.41 15.36
C ARG B 58 -18.61 -4.30 14.29
N CYS B 59 -17.83 -5.30 14.67
CA CYS B 59 -17.14 -6.11 13.70
C CYS B 59 -17.73 -7.51 13.63
N CYS B 60 -18.15 -7.93 12.43
CA CYS B 60 -18.82 -9.21 12.30
C CYS B 60 -18.16 -10.10 11.20
N ILE B 61 -18.45 -11.38 11.22
CA ILE B 61 -18.01 -12.35 10.20
C ILE B 61 -19.18 -12.92 9.33
N LEU B 62 -18.98 -12.88 8.03
CA LEU B 62 -19.89 -13.49 7.06
C LEU B 62 -19.15 -14.70 6.47
N TYR B 63 -19.63 -15.86 6.83
CA TYR B 63 -19.01 -17.12 6.46
C TYR B 63 -19.72 -17.66 5.18
N VAL B 64 -18.93 -17.87 4.14
CA VAL B 64 -19.45 -18.36 2.87
C VAL B 64 -18.92 -19.77 2.68
N THR B 65 -19.83 -20.71 2.65
CA THR B 65 -19.49 -22.13 2.57
C THR B 65 -19.21 -22.47 1.07
N GLU B 66 -18.56 -23.60 0.95
CA GLU B 66 -18.28 -24.22 -0.33
C GLU B 66 -19.61 -24.38 -1.15
N ALA B 67 -20.69 -24.86 -0.49
CA ALA B 67 -22.03 -25.04 -1.14
C ALA B 67 -22.66 -23.66 -1.55
N ASP B 68 -22.45 -22.60 -0.76
CA ASP B 68 -22.94 -21.22 -1.13
C ASP B 68 -22.27 -20.76 -2.46
N LEU B 69 -20.96 -20.97 -2.48
CA LEU B 69 -20.12 -20.54 -3.60
C LEU B 69 -20.45 -21.26 -4.90
N VAL B 70 -20.76 -22.54 -4.78
CA VAL B 70 -20.99 -23.38 -5.90
C VAL B 70 -22.45 -23.16 -6.32
N ALA B 71 -23.33 -22.82 -5.35
CA ALA B 71 -24.73 -22.58 -5.68
C ALA B 71 -25.01 -21.37 -6.61
N GLY B 72 -24.15 -20.35 -6.58
CA GLY B 72 -24.34 -19.13 -7.34
C GLY B 72 -24.09 -17.84 -6.55
N ASN B 73 -24.87 -16.80 -6.81
CA ASN B 73 -24.56 -15.47 -6.25
C ASN B 73 -25.49 -14.98 -5.17
N GLY B 74 -26.33 -15.88 -4.70
CA GLY B 74 -27.23 -15.63 -3.61
C GLY B 74 -26.54 -15.14 -2.37
N TYR B 75 -25.33 -15.63 -2.11
CA TYR B 75 -24.53 -15.19 -0.92
C TYR B 75 -24.30 -13.65 -0.94
N ARG B 76 -24.21 -13.05 -2.14
CA ARG B 76 -24.03 -11.58 -2.27
C ARG B 76 -25.07 -10.72 -1.55
N LYS B 77 -26.27 -11.24 -1.41
CA LYS B 77 -27.36 -10.38 -0.94
C LYS B 77 -27.08 -9.97 0.52
N ARG B 78 -26.56 -10.92 1.27
CA ARG B 78 -26.20 -10.72 2.66
C ARG B 78 -24.96 -9.79 2.86
N LEU B 79 -23.93 -10.00 2.02
CA LEU B 79 -22.80 -9.11 2.03
C LEU B 79 -23.24 -7.65 1.78
N VAL B 80 -24.10 -7.41 0.80
CA VAL B 80 -24.65 -6.07 0.55
C VAL B 80 -25.40 -5.52 1.80
N ARG B 81 -26.25 -6.36 2.39
CA ARG B 81 -27.08 -5.96 3.54
C ARG B 81 -26.17 -5.50 4.73
N VAL B 82 -25.10 -6.24 4.99
CA VAL B 82 -24.10 -5.83 6.03
C VAL B 82 -23.30 -4.57 5.58
N ARG B 83 -22.81 -4.56 4.35
CA ARG B 83 -22.09 -3.43 3.81
C ARG B 83 -22.89 -2.14 4.01
N ASN B 84 -24.20 -2.16 3.72
CA ASN B 84 -25.05 -0.99 3.84
C ASN B 84 -25.42 -0.71 5.29
N SER B 85 -24.94 -1.51 6.24
CA SER B 85 -25.16 -1.12 7.66
C SER B 85 -24.18 -0.05 8.13
N ASN B 86 -24.62 1.14 8.40
CA ASN B 86 -23.74 2.14 9.02
C ASN B 86 -22.85 1.64 10.20
N ASN B 87 -23.41 0.97 11.20
CA ASN B 87 -22.65 0.64 12.38
C ASN B 87 -21.89 -0.70 12.40
N LEU B 88 -21.46 -1.18 11.25
CA LEU B 88 -20.91 -2.51 11.16
C LEU B 88 -19.82 -2.67 10.13
N LYS B 89 -18.82 -3.48 10.45
CA LYS B 89 -17.74 -3.79 9.53
C LYS B 89 -17.77 -5.30 9.34
N GLY B 90 -18.06 -5.79 8.15
CA GLY B 90 -18.11 -7.22 7.82
C GLY B 90 -16.79 -7.78 7.29
N ILE B 91 -16.36 -8.90 7.83
CA ILE B 91 -15.22 -9.63 7.32
C ILE B 91 -15.75 -10.87 6.68
N VAL B 92 -15.42 -11.07 5.41
CA VAL B 92 -15.86 -12.25 4.69
C VAL B 92 -14.85 -13.40 4.78
N VAL B 93 -15.29 -14.55 5.29
CA VAL B 93 -14.48 -15.74 5.39
C VAL B 93 -15.12 -16.80 4.49
N VAL B 94 -14.37 -17.23 3.48
CA VAL B 94 -14.90 -18.08 2.44
C VAL B 94 -14.16 -19.42 2.38
N GLU B 95 -14.91 -20.50 2.23
CA GLU B 95 -14.34 -21.79 2.00
C GLU B 95 -13.86 -21.94 0.52
N LYS B 96 -12.55 -21.82 0.37
CA LYS B 96 -11.85 -21.94 -0.90
C LYS B 96 -11.20 -23.33 -0.98
N THR B 97 -11.93 -24.25 -1.57
CA THR B 97 -11.50 -25.65 -1.61
C THR B 97 -11.34 -26.06 -3.08
N ARG B 98 -11.01 -27.34 -3.28
CA ARG B 98 -10.82 -27.89 -4.60
C ARG B 98 -12.09 -27.75 -5.43
N MET B 99 -13.20 -27.94 -4.73
CA MET B 99 -14.52 -27.83 -5.26
C MET B 99 -15.00 -26.38 -5.53
N SER B 100 -14.75 -25.47 -4.59
CA SER B 100 -15.17 -24.13 -4.74
C SER B 100 -14.20 -23.15 -5.45
N GLU B 101 -12.94 -23.52 -5.60
CA GLU B 101 -11.91 -22.52 -5.99
C GLU B 101 -12.19 -21.82 -7.28
N GLN B 102 -12.80 -22.48 -8.29
CA GLN B 102 -13.11 -21.78 -9.58
C GLN B 102 -14.10 -20.58 -9.45
N TYR B 103 -14.93 -20.64 -8.44
CA TYR B 103 -15.92 -19.57 -8.13
C TYR B 103 -15.33 -18.50 -7.20
N PHE B 104 -14.12 -18.74 -6.67
CA PHE B 104 -13.51 -17.78 -5.76
C PHE B 104 -13.19 -16.40 -6.43
N PRO B 105 -12.60 -16.41 -7.63
CA PRO B 105 -12.15 -15.15 -8.23
C PRO B 105 -13.33 -14.15 -8.40
N ALA B 106 -14.53 -14.60 -8.79
CA ALA B 106 -15.61 -13.64 -8.97
C ALA B 106 -16.14 -13.12 -7.61
N LEU B 107 -16.19 -14.03 -6.60
CA LEU B 107 -16.50 -13.60 -5.21
C LEU B 107 -15.47 -12.54 -4.66
N GLN B 108 -14.19 -12.75 -4.90
CA GLN B 108 -13.16 -11.81 -4.39
C GLN B 108 -13.33 -10.43 -5.08
N LYS B 109 -13.66 -10.48 -6.36
CA LYS B 109 -13.80 -9.22 -7.07
C LYS B 109 -14.96 -8.41 -6.48
N PHE B 110 -16.11 -9.06 -6.35
CA PHE B 110 -17.28 -8.43 -5.79
C PHE B 110 -17.01 -7.96 -4.33
N THR B 111 -16.48 -8.84 -3.50
CA THR B 111 -16.30 -8.55 -2.05
C THR B 111 -15.33 -7.42 -1.80
N VAL B 112 -14.13 -7.59 -2.35
CA VAL B 112 -13.00 -6.63 -2.07
C VAL B 112 -12.95 -5.39 -2.98
N LEU B 113 -13.16 -5.58 -4.30
CA LEU B 113 -12.99 -4.52 -5.28
C LEU B 113 -14.25 -3.76 -5.54
N ASP B 114 -15.40 -4.41 -5.40
CA ASP B 114 -16.70 -3.72 -5.50
C ASP B 114 -17.17 -3.18 -4.13
N LEU B 115 -17.33 -4.05 -3.17
CA LEU B 115 -17.86 -3.64 -1.86
C LEU B 115 -16.76 -3.04 -0.90
N GLY B 116 -15.50 -3.36 -1.12
CA GLY B 116 -14.41 -2.84 -0.26
C GLY B 116 -14.41 -3.51 1.10
N MET B 117 -14.87 -4.76 1.16
CA MET B 117 -14.89 -5.52 2.40
C MET B 117 -13.66 -6.45 2.52
N VAL B 118 -13.24 -6.77 3.72
CA VAL B 118 -12.10 -7.68 3.92
C VAL B 118 -12.55 -9.14 3.57
N LEU B 119 -11.68 -9.85 2.84
CA LEU B 119 -11.89 -11.23 2.46
C LEU B 119 -10.75 -12.15 2.92
N LEU B 120 -11.11 -13.27 3.52
CA LEU B 120 -10.14 -14.23 3.96
C LEU B 120 -10.58 -15.65 3.49
N PRO B 121 -9.78 -16.29 2.63
CA PRO B 121 -10.08 -17.72 2.30
C PRO B 121 -9.52 -18.69 3.34
N VAL B 122 -10.27 -19.74 3.55
CA VAL B 122 -9.90 -20.88 4.36
C VAL B 122 -10.22 -22.16 3.60
N ALA B 123 -9.56 -23.24 3.94
CA ALA B 123 -9.78 -24.46 3.27
C ALA B 123 -10.82 -25.29 4.01
N SER B 124 -11.23 -24.89 5.20
CA SER B 124 -11.96 -25.78 6.12
C SER B 124 -12.39 -25.06 7.39
N GLN B 125 -13.37 -25.64 8.07
CA GLN B 125 -13.78 -25.15 9.33
C GLN B 125 -12.59 -25.20 10.32
N MET B 126 -11.70 -26.20 10.20
CA MET B 126 -10.58 -26.29 11.12
C MET B 126 -9.69 -25.05 10.94
N GLU B 127 -9.40 -24.68 9.69
CA GLU B 127 -8.62 -23.51 9.39
C GLU B 127 -9.35 -22.23 9.83
N ALA B 128 -10.68 -22.16 9.61
CA ALA B 128 -11.42 -20.99 10.01
C ALA B 128 -11.30 -20.72 11.51
N SER B 129 -11.35 -21.79 12.30
CA SER B 129 -11.29 -21.68 13.73
C SER B 129 -10.04 -20.97 14.23
N CYS B 130 -8.86 -21.40 13.73
CA CYS B 130 -7.55 -20.76 14.03
C CYS B 130 -7.55 -19.25 13.59
N LEU B 131 -8.07 -19.02 12.40
CA LEU B 131 -8.06 -17.71 11.84
C LEU B 131 -9.00 -16.71 12.57
N VAL B 132 -10.17 -17.20 12.95
CA VAL B 132 -11.10 -16.38 13.75
C VAL B 132 -10.51 -16.00 15.15
N ILE B 133 -9.90 -16.96 15.80
CA ILE B 133 -9.21 -16.66 17.05
C ILE B 133 -8.10 -15.59 16.84
N GLN B 134 -7.41 -15.68 15.71
CA GLN B 134 -6.33 -14.75 15.42
C GLN B 134 -6.90 -13.31 15.30
N LEU B 135 -8.06 -13.24 14.67
CA LEU B 135 -8.79 -11.99 14.43
C LEU B 135 -9.26 -11.34 15.73
N VAL B 136 -9.83 -12.14 16.64
CA VAL B 136 -10.22 -11.68 18.00
C VAL B 136 -8.98 -11.14 18.76
N GLN B 137 -7.88 -11.88 18.65
CA GLN B 137 -6.60 -11.52 19.25
C GLN B 137 -6.08 -10.18 18.69
N GLU B 138 -6.20 -10.01 17.39
CA GLU B 138 -5.85 -8.77 16.74
C GLU B 138 -6.72 -7.61 17.22
N GLN B 139 -7.99 -7.90 17.39
CA GLN B 139 -9.01 -6.93 17.70
C GLN B 139 -8.93 -6.44 19.14
N THR B 140 -8.29 -7.26 19.96
CA THR B 140 -8.33 -7.10 21.38
C THR B 140 -7.14 -6.34 21.83
N LYS B 141 -6.09 -6.28 21.03
CA LYS B 141 -4.93 -5.59 21.58
C LYS B 141 -4.97 -4.09 21.24
N GLU B 142 -4.16 -3.32 21.98
CA GLU B 142 -3.98 -1.87 21.73
C GLU B 142 -3.46 -1.65 20.30
N PRO B 143 -4.19 -0.91 19.45
CA PRO B 143 -3.71 -0.74 18.07
C PRO B 143 -2.25 -0.27 17.94
N SER B 144 -1.66 0.20 19.02
CA SER B 144 -0.25 0.61 19.04
C SER B 144 0.75 -0.54 19.10
N LYS B 145 0.28 -1.73 19.45
CA LYS B 145 1.13 -2.93 19.36
C LYS B 145 1.11 -3.59 17.95
N ASN B 146 0.33 -3.01 17.03
CA ASN B 146 0.46 -3.27 15.61
C ASN B 146 1.72 -2.56 14.99
N PRO B 147 2.75 -3.37 14.61
CA PRO B 147 4.02 -2.86 14.12
C PRO B 147 3.86 -2.05 12.83
N LEU B 148 2.67 -2.08 12.21
CA LEU B 148 2.26 -1.18 11.13
C LEU B 148 1.50 0.12 11.51
N LEU B 149 1.08 0.25 12.78
CA LEU B 149 0.34 1.43 13.25
C LEU B 149 1.08 2.38 14.15
N LEU B 157 15.95 13.69 11.31
CA LEU B 157 17.06 14.61 11.01
C LEU B 157 17.53 14.58 9.54
N SER B 158 17.41 15.69 8.83
CA SER B 158 17.39 15.67 7.39
C SER B 158 18.75 15.96 6.70
N GLU B 159 19.78 16.35 7.45
CA GLU B 159 21.06 16.72 6.89
C GLU B 159 21.71 15.68 5.96
N PRO B 160 21.73 14.37 6.34
CA PRO B 160 22.33 13.44 5.35
C PRO B 160 21.51 13.31 4.02
N SER B 161 20.20 13.47 4.14
CA SER B 161 19.33 13.43 2.97
C SER B 161 19.51 14.70 2.14
N LEU B 162 19.53 15.85 2.80
CA LEU B 162 19.82 17.10 2.09
C LEU B 162 21.13 17.02 1.30
N LEU B 163 22.17 16.44 1.88
CA LEU B 163 23.40 16.29 1.09
C LEU B 163 23.11 15.53 -0.21
N ARG B 164 22.38 14.43 -0.11
CA ARG B 164 22.15 13.54 -1.22
C ARG B 164 21.30 14.25 -2.30
N THR B 165 20.30 15.02 -1.86
CA THR B 165 19.47 15.80 -2.75
C THR B 165 20.34 16.83 -3.52
N VAL B 166 21.24 17.51 -2.81
CA VAL B 166 22.08 18.52 -3.43
C VAL B 166 23.05 17.88 -4.43
N GLN B 167 23.53 16.68 -4.10
CA GLN B 167 24.30 15.88 -5.03
C GLN B 167 23.53 15.53 -6.34
N GLN B 168 22.20 15.61 -6.36
CA GLN B 168 21.50 15.40 -7.63
C GLN B 168 21.54 16.59 -8.58
N ILE B 169 22.03 17.73 -8.12
CA ILE B 169 22.13 18.90 -9.00
C ILE B 169 23.32 18.69 -9.91
N PRO B 170 23.16 18.80 -11.25
CA PRO B 170 24.28 18.61 -12.21
C PRO B 170 25.54 19.41 -11.86
N GLY B 171 26.70 18.77 -11.87
CA GLY B 171 27.97 19.48 -11.51
C GLY B 171 28.33 19.38 -10.01
N VAL B 172 27.36 18.97 -9.18
CA VAL B 172 27.55 18.96 -7.74
C VAL B 172 27.81 17.52 -7.21
N GLY B 173 29.00 17.29 -6.66
CA GLY B 173 29.42 16.00 -6.12
C GLY B 173 29.47 16.03 -4.58
N LYS B 174 30.17 15.04 -4.00
CA LYS B 174 30.28 14.95 -2.55
C LYS B 174 30.98 16.23 -1.93
N VAL B 175 31.89 16.87 -2.68
CA VAL B 175 32.60 18.05 -2.15
C VAL B 175 31.80 19.40 -2.28
N LYS B 176 31.15 19.60 -3.42
CA LYS B 176 30.43 20.87 -3.56
C LYS B 176 29.11 20.88 -2.79
N ALA B 177 28.51 19.72 -2.57
CA ALA B 177 27.20 19.69 -1.90
C ALA B 177 27.20 20.37 -0.50
N PRO B 178 28.11 19.96 0.43
CA PRO B 178 28.25 20.58 1.75
C PRO B 178 28.69 22.07 1.66
N LEU B 179 29.52 22.43 0.69
CA LEU B 179 29.90 23.86 0.51
C LEU B 179 28.68 24.73 0.16
N LEU B 180 27.87 24.24 -0.77
CA LEU B 180 26.63 24.88 -1.22
C LEU B 180 25.64 25.01 -0.03
N LEU B 181 25.41 23.91 0.72
CA LEU B 181 24.49 23.97 1.83
C LEU B 181 25.01 24.85 3.01
N GLN B 182 26.31 25.07 3.10
CA GLN B 182 26.86 25.87 4.19
C GLN B 182 26.39 27.35 3.99
N LYS B 183 26.36 27.78 2.71
CA LYS B 183 26.04 29.14 2.27
C LYS B 183 24.62 29.38 1.90
N PHE B 184 23.94 28.36 1.34
CA PHE B 184 22.52 28.42 0.95
C PHE B 184 21.84 27.27 1.70
N PRO B 185 21.34 27.54 2.90
CA PRO B 185 21.16 26.43 3.86
C PRO B 185 19.86 25.61 3.71
N SER B 186 18.94 26.03 2.85
CA SER B 186 17.75 25.16 2.55
C SER B 186 17.68 24.98 1.04
N ILE B 187 16.95 23.96 0.58
CA ILE B 187 16.68 23.79 -0.88
C ILE B 187 16.02 25.04 -1.44
N GLN B 188 15.04 25.60 -0.72
CA GLN B 188 14.41 26.82 -1.21
C GLN B 188 15.42 27.94 -1.47
N GLN B 189 16.34 28.13 -0.54
CA GLN B 189 17.33 29.20 -0.62
C GLN B 189 18.33 28.91 -1.69
N LEU B 190 18.69 27.63 -1.85
CA LEU B 190 19.61 27.29 -2.91
C LEU B 190 18.94 27.46 -4.29
N SER B 191 17.68 27.00 -4.37
CA SER B 191 16.87 27.21 -5.58
C SER B 191 16.79 28.71 -6.05
N ASN B 192 16.89 29.65 -5.11
CA ASN B 192 16.73 31.08 -5.37
C ASN B 192 18.03 31.81 -5.63
N ALA B 193 19.14 31.12 -5.52
CA ALA B 193 20.45 31.78 -5.59
C ALA B 193 20.74 32.28 -7.04
N SER B 194 21.27 33.47 -7.18
CA SER B 194 21.70 34.01 -8.51
C SER B 194 23.04 33.37 -8.88
N ILE B 195 23.42 33.46 -10.16
CA ILE B 195 24.73 32.97 -10.59
C ILE B 195 25.86 33.68 -9.80
N GLY B 196 25.73 34.98 -9.59
CA GLY B 196 26.71 35.78 -8.86
C GLY B 196 26.90 35.23 -7.43
N GLU B 197 25.80 34.86 -6.78
CA GLU B 197 25.86 34.33 -5.45
C GLU B 197 26.47 32.92 -5.42
N LEU B 198 26.04 32.06 -6.38
CA LEU B 198 26.63 30.74 -6.58
C LEU B 198 28.14 30.83 -6.79
N GLU B 199 28.59 31.87 -7.52
CA GLU B 199 30.03 32.09 -7.75
C GLU B 199 30.88 32.42 -6.50
N GLN B 200 30.20 32.63 -5.36
CA GLN B 200 30.88 32.74 -4.06
C GLN B 200 31.31 31.35 -3.54
N VAL B 201 30.66 30.27 -4.03
CA VAL B 201 30.93 28.92 -3.58
C VAL B 201 31.61 28.03 -4.68
N VAL B 202 31.15 28.12 -5.92
CA VAL B 202 31.71 27.29 -7.02
C VAL B 202 32.25 28.20 -8.12
N GLY B 203 32.82 27.59 -9.20
CA GLY B 203 33.21 28.34 -10.37
C GLY B 203 32.06 28.82 -11.23
N GLN B 204 32.37 29.63 -12.26
CA GLN B 204 31.34 30.17 -13.13
C GLN B 204 30.57 29.04 -13.90
N ALA B 205 31.28 27.99 -14.38
CA ALA B 205 30.67 26.89 -15.16
C ALA B 205 29.59 26.17 -14.35
N VAL B 206 29.97 25.71 -13.16
CA VAL B 206 29.07 25.02 -12.26
C VAL B 206 27.99 25.94 -11.70
N ALA B 207 28.33 27.23 -11.41
CA ALA B 207 27.28 28.21 -11.03
C ALA B 207 26.21 28.31 -12.13
N GLN B 208 26.66 28.30 -13.40
CA GLN B 208 25.74 28.34 -14.54
C GLN B 208 24.89 27.02 -14.62
N GLN B 209 25.51 25.87 -14.44
CA GLN B 209 24.80 24.55 -14.40
C GLN B 209 23.68 24.54 -13.34
N ILE B 210 24.01 24.98 -12.12
CA ILE B 210 23.12 24.96 -10.99
C ILE B 210 21.92 25.84 -11.23
N HIS B 211 22.20 27.06 -11.67
CA HIS B 211 21.17 28.04 -11.94
C HIS B 211 20.28 27.61 -13.10
N ALA B 212 20.85 27.08 -14.17
CA ALA B 212 20.08 26.58 -15.31
C ALA B 212 19.20 25.43 -14.80
N PHE B 213 19.77 24.56 -13.95
CA PHE B 213 19.04 23.40 -13.43
C PHE B 213 17.75 23.92 -12.71
N PHE B 214 17.95 24.86 -11.78
CA PHE B 214 16.78 25.42 -11.09
C PHE B 214 15.78 26.20 -11.96
N THR B 215 16.27 27.01 -12.91
CA THR B 215 15.38 27.97 -13.64
C THR B 215 14.92 27.55 -15.03
N GLN B 216 15.54 26.56 -15.68
CA GLN B 216 15.09 26.22 -17.06
C GLN B 216 13.66 25.54 -17.15
N PRO B 217 12.79 25.94 -18.11
CA PRO B 217 11.41 25.39 -18.26
C PRO B 217 11.29 23.88 -18.35
#